data_4JOG
#
_entry.id   4JOG
#
_cell.length_a   36.673
_cell.length_b   47.938
_cell.length_c   97.848
_cell.angle_alpha   90.00
_cell.angle_beta   90.00
_cell.angle_gamma   90.00
#
_symmetry.space_group_name_H-M   'P 21 21 21'
#
loop_
_entity.id
_entity.type
_entity.pdbx_description
1 polymer 'Golgi-associated PDZ and coiled-coil motif-containing protein'
2 polymer 'V-iCAL36 peptide'
3 non-polymer GLYCEROL
4 water water
#
loop_
_entity_poly.entity_id
_entity_poly.type
_entity_poly.pdbx_seq_one_letter_code
_entity_poly.pdbx_strand_id
1 'polypeptide(L)'
;GPIRKVLLLKEDHEGLGISITGGKEHGVPILISEIHPGQPADRCGGLHVGDAILAVNGVNLRDTKHKEAVTILSQQRGEI
EFEVVYV
;
A,B
2 'polypeptide(L)' ANSRVPTSII C,D
#
loop_
_chem_comp.id
_chem_comp.type
_chem_comp.name
_chem_comp.formula
GOL non-polymer GLYCEROL 'C3 H8 O3'
#
# COMPACT_ATOMS: atom_id res chain seq x y z
N GLY A 1 -27.57 5.58 3.49
CA GLY A 1 -28.09 5.75 2.14
C GLY A 1 -28.24 4.44 1.40
N PRO A 2 -28.50 4.52 0.08
CA PRO A 2 -28.68 3.28 -0.69
C PRO A 2 -27.35 2.58 -0.94
N ILE A 3 -27.37 1.26 -1.02
CA ILE A 3 -26.17 0.53 -1.44
C ILE A 3 -25.95 0.79 -2.92
N ARG A 4 -24.71 1.13 -3.27
CA ARG A 4 -24.36 1.48 -4.65
C ARG A 4 -23.27 0.55 -5.21
N LYS A 5 -23.32 0.30 -6.52
CA LYS A 5 -22.24 -0.37 -7.21
C LYS A 5 -21.47 0.64 -8.05
N VAL A 6 -20.15 0.64 -7.92
CA VAL A 6 -19.31 1.65 -8.54
C VAL A 6 -18.13 1.01 -9.25
N LEU A 7 -17.85 1.43 -10.49
CA LEU A 7 -16.73 0.90 -11.25
C LEU A 7 -15.52 1.83 -11.19
N LEU A 8 -14.35 1.26 -10.94
CA LEU A 8 -13.11 2.01 -10.90
C LEU A 8 -12.13 1.38 -11.89
N LEU A 9 -11.45 2.22 -12.65
CA LEU A 9 -10.42 1.77 -13.61
C LEU A 9 -9.05 2.21 -13.11
N LYS A 10 -8.19 1.23 -12.87
CA LYS A 10 -6.86 1.44 -12.28
C LYS A 10 -5.82 0.95 -13.28
N GLU A 11 -4.77 1.73 -13.52
CA GLU A 11 -3.64 1.20 -14.27
C GLU A 11 -2.67 0.49 -13.32
N ASP A 12 -1.81 -0.36 -13.87
CA ASP A 12 -1.00 -1.22 -13.03
C ASP A 12 0.11 -0.49 -12.25
N HIS A 13 0.42 0.74 -12.63
CA HIS A 13 1.45 1.51 -11.91
C HIS A 13 0.87 2.33 -10.77
N GLU A 14 -0.43 2.21 -10.55
CA GLU A 14 -1.15 3.04 -9.57
C GLU A 14 -1.69 2.21 -8.43
N GLY A 15 -1.93 2.88 -7.31
CA GLY A 15 -2.80 2.34 -6.28
C GLY A 15 -4.26 2.76 -6.53
N LEU A 16 -5.12 2.48 -5.56
CA LEU A 16 -6.53 2.85 -5.69
C LEU A 16 -6.75 4.36 -5.51
N GLY A 17 -5.90 5.00 -4.74
CA GLY A 17 -6.07 6.42 -4.49
C GLY A 17 -7.03 6.72 -3.35
N ILE A 18 -7.10 5.83 -2.36
CA ILE A 18 -7.89 6.08 -1.15
C ILE A 18 -7.11 5.77 0.10
N SER A 19 -7.54 6.36 1.21
CA SER A 19 -7.11 5.87 2.50
C SER A 19 -8.31 5.21 3.13
N ILE A 20 -8.08 4.08 3.81
CA ILE A 20 -9.14 3.41 4.54
C ILE A 20 -8.87 3.35 6.03
N THR A 21 -9.95 3.42 6.82
N THR A 21 -9.94 3.44 6.81
CA THR A 21 -9.86 3.29 8.26
CA THR A 21 -9.84 3.20 8.23
C THR A 21 -10.90 2.29 8.74
C THR A 21 -10.74 2.03 8.59
N GLY A 22 -10.62 1.57 9.82
CA GLY A 22 -11.58 0.64 10.40
C GLY A 22 -11.19 -0.81 10.30
N GLY A 23 -12.17 -1.68 10.52
CA GLY A 23 -11.95 -3.11 10.47
C GLY A 23 -12.69 -3.82 11.59
N LYS A 24 -13.00 -5.09 11.37
CA LYS A 24 -13.81 -5.87 12.31
C LYS A 24 -13.25 -5.88 13.74
N GLU A 25 -11.93 -5.90 13.88
CA GLU A 25 -11.33 -5.97 15.21
C GLU A 25 -11.55 -4.68 16.00
N HIS A 26 -11.98 -3.63 15.31
CA HIS A 26 -12.28 -2.34 15.92
C HIS A 26 -13.77 -2.04 16.00
N GLY A 27 -14.58 -2.98 15.51
CA GLY A 27 -16.02 -2.83 15.54
C GLY A 27 -16.52 -1.74 14.60
N VAL A 28 -15.74 -1.42 13.56
CA VAL A 28 -16.15 -0.41 12.59
C VAL A 28 -15.93 -0.92 11.16
N PRO A 29 -16.76 -0.46 10.21
CA PRO A 29 -16.60 -0.94 8.83
C PRO A 29 -15.32 -0.43 8.19
N ILE A 30 -14.97 -1.01 7.05
CA ILE A 30 -13.92 -0.43 6.23
C ILE A 30 -14.46 0.85 5.62
N LEU A 31 -13.94 1.99 6.07
CA LEU A 31 -14.42 3.29 5.61
C LEU A 31 -13.39 4.01 4.77
N ILE A 32 -13.85 4.66 3.70
CA ILE A 32 -12.97 5.58 2.96
C ILE A 32 -12.83 6.88 3.75
N SER A 33 -11.62 7.17 4.21
CA SER A 33 -11.36 8.40 4.94
C SER A 33 -10.71 9.49 4.12
N GLU A 34 -10.10 9.11 2.99
CA GLU A 34 -9.54 10.09 2.06
C GLU A 34 -9.66 9.58 0.64
N ILE A 35 -9.83 10.50 -0.29
CA ILE A 35 -9.71 10.22 -1.72
C ILE A 35 -8.67 11.17 -2.27
N HIS A 36 -7.60 10.61 -2.84
N HIS A 36 -7.60 10.63 -2.83
CA HIS A 36 -6.46 11.39 -3.37
CA HIS A 36 -6.50 11.50 -3.20
C HIS A 36 -6.80 12.05 -4.71
C HIS A 36 -6.66 12.03 -4.63
N PRO A 37 -6.59 13.36 -4.79
CA PRO A 37 -6.93 14.01 -6.06
C PRO A 37 -6.16 13.46 -7.25
N GLY A 38 -6.89 13.19 -8.33
CA GLY A 38 -6.29 12.76 -9.58
C GLY A 38 -5.99 11.28 -9.68
N GLN A 39 -6.12 10.54 -8.57
CA GLN A 39 -5.86 9.10 -8.58
C GLN A 39 -7.14 8.33 -8.93
N PRO A 40 -7.04 6.99 -9.07
CA PRO A 40 -8.18 6.30 -9.70
C PRO A 40 -9.54 6.47 -9.02
N ALA A 41 -9.60 6.49 -7.69
CA ALA A 41 -10.90 6.64 -7.04
C ALA A 41 -11.52 8.00 -7.31
N ASP A 42 -10.71 9.05 -7.34
CA ASP A 42 -11.21 10.37 -7.70
C ASP A 42 -11.73 10.37 -9.13
N ARG A 43 -10.92 9.80 -10.03
CA ARG A 43 -11.27 9.80 -11.45
C ARG A 43 -12.54 9.00 -11.76
N CYS A 44 -12.79 7.94 -10.99
CA CYS A 44 -13.97 7.11 -11.29
C CYS A 44 -15.30 7.85 -11.04
N GLY A 45 -15.27 8.85 -10.15
CA GLY A 45 -16.43 9.72 -9.93
C GLY A 45 -17.46 9.27 -8.89
N GLY A 46 -17.47 7.99 -8.57
CA GLY A 46 -18.56 7.42 -7.77
C GLY A 46 -18.26 7.06 -6.33
N LEU A 47 -17.05 7.35 -5.86
CA LEU A 47 -16.67 7.04 -4.49
C LEU A 47 -16.49 8.35 -3.70
N HIS A 48 -16.84 8.30 -2.42
CA HIS A 48 -16.83 9.50 -1.56
C HIS A 48 -16.24 9.19 -0.19
N VAL A 49 -15.58 10.19 0.37
CA VAL A 49 -15.15 10.11 1.76
C VAL A 49 -16.38 9.85 2.63
N GLY A 50 -16.29 8.86 3.50
CA GLY A 50 -17.40 8.47 4.35
C GLY A 50 -18.10 7.21 3.87
N ASP A 51 -17.84 6.82 2.63
CA ASP A 51 -18.37 5.54 2.11
C ASP A 51 -17.80 4.36 2.89
N ALA A 52 -18.66 3.40 3.20
CA ALA A 52 -18.23 2.11 3.71
C ALA A 52 -18.09 1.17 2.52
N ILE A 53 -16.96 0.46 2.44
CA ILE A 53 -16.77 -0.52 1.38
C ILE A 53 -17.32 -1.85 1.86
N LEU A 54 -18.42 -2.29 1.25
CA LEU A 54 -19.07 -3.54 1.61
C LEU A 54 -18.46 -4.74 0.90
N ALA A 55 -18.03 -4.53 -0.34
CA ALA A 55 -17.41 -5.61 -1.12
C ALA A 55 -16.57 -5.02 -2.24
N VAL A 56 -15.61 -5.79 -2.72
CA VAL A 56 -14.85 -5.44 -3.90
C VAL A 56 -14.70 -6.66 -4.78
N ASN A 57 -15.05 -6.52 -6.05
CA ASN A 57 -15.04 -7.64 -6.98
C ASN A 57 -15.72 -8.90 -6.43
N GLY A 58 -16.82 -8.72 -5.70
CA GLY A 58 -17.54 -9.86 -5.15
C GLY A 58 -17.02 -10.42 -3.84
N VAL A 59 -15.91 -9.87 -3.35
CA VAL A 59 -15.35 -10.30 -2.06
C VAL A 59 -15.91 -9.43 -0.93
N ASN A 60 -16.64 -10.06 0.01
CA ASN A 60 -17.25 -9.35 1.11
C ASN A 60 -16.19 -8.77 2.05
N LEU A 61 -16.32 -7.49 2.36
CA LEU A 61 -15.40 -6.83 3.29
C LEU A 61 -16.09 -6.42 4.60
N ARG A 62 -17.35 -6.82 4.76
N ARG A 62 -17.35 -6.81 4.77
CA ARG A 62 -18.12 -6.42 5.94
CA ARG A 62 -18.11 -6.42 5.95
C ARG A 62 -17.56 -6.98 7.25
C ARG A 62 -17.52 -6.96 7.24
N ASP A 63 -16.93 -8.16 7.19
CA ASP A 63 -16.40 -8.81 8.39
C ASP A 63 -14.88 -8.92 8.42
N THR A 64 -14.21 -8.12 7.62
CA THR A 64 -12.76 -8.24 7.49
C THR A 64 -12.02 -7.34 8.47
N LYS A 65 -10.88 -7.83 8.95
CA LYS A 65 -9.99 -7.04 9.78
C LYS A 65 -9.25 -6.04 8.91
N HIS A 66 -8.69 -5.00 9.53
CA HIS A 66 -8.05 -3.93 8.76
C HIS A 66 -7.04 -4.44 7.73
N LYS A 67 -6.09 -5.27 8.18
CA LYS A 67 -5.01 -5.70 7.29
C LYS A 67 -5.49 -6.72 6.25
N GLU A 68 -6.52 -7.48 6.59
CA GLU A 68 -7.14 -8.35 5.61
C GLU A 68 -7.71 -7.51 4.47
N ALA A 69 -8.40 -6.42 4.82
CA ALA A 69 -8.99 -5.53 3.83
C ALA A 69 -7.90 -4.88 2.96
N VAL A 70 -6.79 -4.48 3.58
CA VAL A 70 -5.67 -3.92 2.80
C VAL A 70 -5.17 -4.92 1.75
N THR A 71 -4.91 -6.16 2.17
CA THR A 71 -4.46 -7.18 1.23
C THR A 71 -5.46 -7.44 0.10
N ILE A 72 -6.73 -7.62 0.46
CA ILE A 72 -7.74 -7.87 -0.57
C ILE A 72 -7.87 -6.70 -1.53
N LEU A 73 -7.95 -5.48 -1.02
CA LEU A 73 -8.11 -4.33 -1.89
C LEU A 73 -6.90 -4.09 -2.80
N SER A 74 -5.69 -4.24 -2.26
CA SER A 74 -4.48 -3.99 -3.04
C SER A 74 -4.22 -5.04 -4.11
N GLN A 75 -4.84 -6.21 -3.98
CA GLN A 75 -4.68 -7.29 -4.96
C GLN A 75 -5.46 -7.05 -6.24
N GLN A 76 -6.50 -6.20 -6.17
CA GLN A 76 -7.39 -6.04 -7.32
C GLN A 76 -6.72 -5.22 -8.42
N ARG A 77 -6.95 -5.60 -9.68
CA ARG A 77 -6.33 -4.91 -10.81
C ARG A 77 -7.34 -4.53 -11.88
N GLY A 78 -7.04 -3.45 -12.61
CA GLY A 78 -7.76 -3.14 -13.82
C GLY A 78 -9.13 -2.53 -13.59
N GLU A 79 -10.16 -3.25 -14.04
CA GLU A 79 -11.54 -2.82 -13.88
C GLU A 79 -12.08 -3.43 -12.61
N ILE A 80 -12.33 -2.60 -11.61
CA ILE A 80 -12.61 -3.06 -10.27
C ILE A 80 -14.00 -2.58 -9.81
N GLU A 81 -14.86 -3.51 -9.42
CA GLU A 81 -16.20 -3.16 -8.97
C GLU A 81 -16.29 -3.07 -7.45
N PHE A 82 -16.82 -1.96 -6.97
CA PHE A 82 -17.00 -1.72 -5.54
C PHE A 82 -18.49 -1.75 -5.20
N GLU A 83 -18.82 -2.33 -4.05
CA GLU A 83 -20.15 -2.16 -3.48
C GLU A 83 -19.97 -1.29 -2.24
N VAL A 84 -20.64 -0.14 -2.21
CA VAL A 84 -20.40 0.85 -1.16
C VAL A 84 -21.69 1.46 -0.65
N VAL A 85 -21.64 2.04 0.53
CA VAL A 85 -22.81 2.74 1.06
C VAL A 85 -22.35 3.91 1.91
N TYR A 86 -23.04 5.04 1.77
CA TYR A 86 -22.75 6.20 2.59
C TYR A 86 -23.78 6.31 3.69
N VAL A 87 -23.32 6.24 4.94
CA VAL A 87 -24.20 6.37 6.10
C VAL A 87 -23.91 7.67 6.85
N GLY B 1 2.37 12.95 -2.19
CA GLY B 1 2.27 12.37 -3.52
C GLY B 1 1.45 11.09 -3.54
N PRO B 2 1.20 10.57 -4.74
CA PRO B 2 0.41 9.34 -4.93
C PRO B 2 1.21 8.07 -4.77
N ILE B 3 0.52 6.98 -4.48
CA ILE B 3 1.14 5.67 -4.51
C ILE B 3 1.64 5.37 -5.91
N ARG B 4 2.84 4.80 -5.99
CA ARG B 4 3.35 4.27 -7.25
C ARG B 4 3.69 2.80 -7.07
N LYS B 5 3.45 2.01 -8.11
CA LYS B 5 3.98 0.65 -8.16
C LYS B 5 5.14 0.63 -9.16
N VAL B 6 6.29 0.18 -8.69
CA VAL B 6 7.55 0.27 -9.41
C VAL B 6 8.18 -1.11 -9.54
N LEU B 7 8.57 -1.47 -10.76
CA LEU B 7 9.26 -2.75 -10.97
C LEU B 7 10.77 -2.56 -10.93
N LEU B 8 11.43 -3.51 -10.28
CA LEU B 8 12.88 -3.52 -10.19
C LEU B 8 13.32 -4.91 -10.67
N LEU B 9 14.40 -5.00 -11.43
CA LEU B 9 14.92 -6.31 -11.83
C LEU B 9 16.21 -6.63 -11.09
N LYS B 10 16.17 -7.67 -10.26
CA LYS B 10 17.30 -8.05 -9.43
C LYS B 10 17.84 -9.40 -9.86
N GLU B 11 19.12 -9.44 -10.21
CA GLU B 11 19.78 -10.71 -10.48
C GLU B 11 20.09 -11.40 -9.15
N ASP B 12 20.17 -12.73 -9.15
CA ASP B 12 20.40 -13.47 -7.92
C ASP B 12 21.73 -13.07 -7.24
N HIS B 13 22.69 -12.63 -8.04
CA HIS B 13 24.03 -12.34 -7.55
C HIS B 13 24.22 -10.90 -7.06
N GLU B 14 23.14 -10.13 -6.99
CA GLU B 14 23.26 -8.73 -6.60
C GLU B 14 22.19 -8.32 -5.59
N GLY B 15 22.49 -7.33 -4.76
CA GLY B 15 21.50 -6.75 -3.87
C GLY B 15 20.63 -5.75 -4.60
N LEU B 16 19.59 -5.27 -3.91
CA LEU B 16 18.70 -4.26 -4.48
C LEU B 16 19.38 -2.91 -4.58
N GLY B 17 20.30 -2.62 -3.66
CA GLY B 17 20.96 -1.33 -3.64
C GLY B 17 20.16 -0.27 -2.93
N ILE B 18 19.61 -0.63 -1.77
CA ILE B 18 18.75 0.26 -1.00
C ILE B 18 19.14 0.20 0.47
N SER B 19 19.28 1.35 1.13
CA SER B 19 19.37 1.39 2.59
C SER B 19 18.00 1.70 3.15
N ILE B 20 17.68 1.02 4.24
CA ILE B 20 16.34 1.00 4.85
C ILE B 20 16.40 1.46 6.29
N THR B 21 15.52 2.38 6.69
CA THR B 21 15.35 2.72 8.10
C THR B 21 13.88 2.60 8.48
N GLY B 22 13.57 2.83 9.75
CA GLY B 22 12.19 2.87 10.19
C GLY B 22 11.62 1.52 10.55
N GLY B 23 10.29 1.46 10.64
CA GLY B 23 9.60 0.25 11.03
C GLY B 23 8.66 0.47 12.21
N LYS B 24 7.82 -0.53 12.45
CA LYS B 24 6.73 -0.45 13.41
C LYS B 24 7.19 -0.05 14.80
N GLU B 25 8.33 -0.57 15.22
CA GLU B 25 8.77 -0.33 16.59
C GLU B 25 9.25 1.11 16.80
N HIS B 26 9.36 1.85 15.71
CA HIS B 26 9.79 3.23 15.81
C HIS B 26 8.65 4.18 15.42
N GLY B 27 7.49 3.59 15.13
CA GLY B 27 6.28 4.35 14.85
C GLY B 27 6.32 5.07 13.52
N VAL B 28 7.13 4.59 12.60
CA VAL B 28 7.24 5.20 11.27
C VAL B 28 7.31 4.10 10.21
N PRO B 29 7.04 4.46 8.94
CA PRO B 29 7.08 3.44 7.88
C PRO B 29 8.48 2.90 7.65
N ILE B 30 8.54 1.82 6.88
CA ILE B 30 9.79 1.34 6.30
C ILE B 30 10.17 2.39 5.26
N LEU B 31 11.34 3.01 5.41
CA LEU B 31 11.73 4.17 4.62
C LEU B 31 13.01 3.92 3.87
N ILE B 32 13.07 4.41 2.63
CA ILE B 32 14.32 4.38 1.88
C ILE B 32 15.23 5.52 2.33
N SER B 33 16.39 5.18 2.86
CA SER B 33 17.31 6.21 3.34
C SER B 33 18.48 6.48 2.38
N GLU B 34 18.78 5.50 1.52
CA GLU B 34 19.81 5.69 0.51
C GLU B 34 19.53 4.86 -0.74
N ILE B 35 19.82 5.42 -1.90
CA ILE B 35 19.76 4.69 -3.16
C ILE B 35 21.19 4.55 -3.70
N HIS B 36 21.67 3.32 -3.77
CA HIS B 36 23.08 3.07 -4.08
C HIS B 36 23.37 3.16 -5.59
N PRO B 37 24.36 3.98 -5.97
CA PRO B 37 24.62 4.23 -7.40
C PRO B 37 24.84 2.95 -8.21
N GLY B 38 24.14 2.83 -9.33
CA GLY B 38 24.36 1.75 -10.28
C GLY B 38 23.70 0.41 -10.00
N GLN B 39 23.13 0.24 -8.81
CA GLN B 39 22.47 -1.01 -8.47
C GLN B 39 20.99 -0.99 -8.94
N PRO B 40 20.30 -2.14 -8.83
CA PRO B 40 18.94 -2.26 -9.37
C PRO B 40 17.98 -1.11 -9.02
N ALA B 41 17.96 -0.66 -7.78
CA ALA B 41 17.03 0.41 -7.39
C ALA B 41 17.34 1.73 -8.10
N ASP B 42 18.62 2.07 -8.19
CA ASP B 42 19.04 3.26 -8.94
C ASP B 42 18.62 3.11 -10.40
N ARG B 43 18.94 1.95 -10.98
CA ARG B 43 18.70 1.68 -12.40
C ARG B 43 17.23 1.81 -12.79
N CYS B 44 16.32 1.44 -11.89
CA CYS B 44 14.90 1.47 -12.22
C CYS B 44 14.34 2.90 -12.28
N GLY B 45 15.04 3.83 -11.63
CA GLY B 45 14.68 5.24 -11.68
C GLY B 45 13.37 5.66 -11.04
N GLY B 46 12.71 4.74 -10.35
CA GLY B 46 11.42 5.04 -9.76
C GLY B 46 11.37 4.96 -8.25
N LEU B 47 12.52 4.68 -7.62
CA LEU B 47 12.63 4.63 -6.15
C LEU B 47 13.56 5.73 -5.65
N HIS B 48 13.11 6.47 -4.64
CA HIS B 48 13.85 7.64 -4.18
C HIS B 48 14.00 7.73 -2.67
N VAL B 49 15.06 8.40 -2.23
CA VAL B 49 15.27 8.62 -0.81
C VAL B 49 14.06 9.35 -0.25
N GLY B 50 13.55 8.86 0.87
CA GLY B 50 12.38 9.42 1.51
C GLY B 50 11.09 8.67 1.20
N ASP B 51 11.11 7.78 0.21
CA ASP B 51 9.94 6.97 -0.12
C ASP B 51 9.65 6.00 1.03
N ALA B 52 8.37 5.83 1.33
CA ALA B 52 7.93 4.77 2.24
C ALA B 52 7.61 3.55 1.39
N ILE B 53 8.09 2.39 1.81
CA ILE B 53 7.76 1.14 1.16
C ILE B 53 6.53 0.57 1.86
N LEU B 54 5.40 0.62 1.18
CA LEU B 54 4.14 0.15 1.74
C LEU B 54 3.99 -1.36 1.58
N ALA B 55 4.50 -1.90 0.48
CA ALA B 55 4.38 -3.33 0.22
C ALA B 55 5.43 -3.74 -0.81
N VAL B 56 5.78 -5.02 -0.80
CA VAL B 56 6.66 -5.58 -1.82
C VAL B 56 6.07 -6.90 -2.29
N ASN B 57 5.89 -7.02 -3.60
CA ASN B 57 5.24 -8.19 -4.18
C ASN B 57 3.97 -8.63 -3.43
N GLY B 58 3.15 -7.65 -3.04
CA GLY B 58 1.90 -7.95 -2.38
C GLY B 58 2.02 -8.32 -0.91
N VAL B 59 3.22 -8.14 -0.35
CA VAL B 59 3.40 -8.31 1.11
C VAL B 59 3.27 -6.93 1.77
N ASN B 60 2.21 -6.75 2.56
CA ASN B 60 1.96 -5.47 3.23
C ASN B 60 2.97 -5.22 4.35
N LEU B 61 3.75 -4.15 4.21
CA LEU B 61 4.77 -3.81 5.20
C LEU B 61 4.43 -2.53 5.97
N ARG B 62 3.16 -2.15 5.97
CA ARG B 62 2.74 -0.93 6.69
C ARG B 62 2.83 -1.09 8.20
N ASP B 63 2.79 -2.31 8.70
CA ASP B 63 2.78 -2.50 10.15
C ASP B 63 3.68 -3.68 10.55
N THR B 64 4.93 -3.61 10.12
CA THR B 64 5.89 -4.67 10.35
C THR B 64 7.16 -4.06 10.95
N LYS B 65 7.74 -4.76 11.92
CA LYS B 65 9.00 -4.31 12.49
C LYS B 65 10.14 -4.32 11.49
N HIS B 66 11.15 -3.52 11.78
CA HIS B 66 12.28 -3.34 10.87
C HIS B 66 12.91 -4.66 10.41
N LYS B 67 13.29 -5.49 11.37
CA LYS B 67 14.03 -6.72 11.04
C LYS B 67 13.24 -7.64 10.12
N GLU B 68 11.96 -7.83 10.41
CA GLU B 68 11.11 -8.71 9.61
C GLU B 68 10.85 -8.15 8.21
N ALA B 69 10.65 -6.84 8.12
CA ALA B 69 10.47 -6.20 6.82
C ALA B 69 11.71 -6.41 5.96
N VAL B 70 12.88 -6.20 6.56
CA VAL B 70 14.14 -6.38 5.84
C VAL B 70 14.32 -7.83 5.39
N THR B 71 13.98 -8.78 6.24
CA THR B 71 14.05 -10.19 5.85
C THR B 71 13.16 -10.50 4.64
N ILE B 72 11.88 -10.10 4.69
CA ILE B 72 10.97 -10.29 3.57
C ILE B 72 11.50 -9.64 2.29
N LEU B 73 11.98 -8.41 2.43
CA LEU B 73 12.52 -7.69 1.27
C LEU B 73 13.69 -8.45 0.66
N SER B 74 14.56 -8.98 1.51
N SER B 74 14.55 -9.01 1.50
CA SER B 74 15.77 -9.66 1.05
CA SER B 74 15.78 -9.67 1.07
C SER B 74 15.45 -10.96 0.31
C SER B 74 15.54 -11.07 0.49
N GLN B 75 14.32 -11.58 0.66
CA GLN B 75 13.95 -12.87 0.07
C GLN B 75 13.38 -12.75 -1.34
N GLN B 76 13.09 -11.53 -1.79
CA GLN B 76 12.46 -11.35 -3.09
C GLN B 76 13.46 -11.56 -4.21
N ARG B 77 12.98 -12.06 -5.35
CA ARG B 77 13.87 -12.42 -6.45
C ARG B 77 13.28 -12.01 -7.79
N GLY B 78 14.15 -11.75 -8.76
CA GLY B 78 13.73 -11.49 -10.12
C GLY B 78 13.11 -10.12 -10.28
N GLU B 79 11.96 -10.07 -10.96
CA GLU B 79 11.27 -8.81 -11.18
C GLU B 79 10.36 -8.55 -9.99
N ILE B 80 10.69 -7.52 -9.22
CA ILE B 80 10.09 -7.29 -7.92
C ILE B 80 9.28 -6.01 -7.93
N GLU B 81 8.03 -6.10 -7.50
CA GLU B 81 7.16 -4.91 -7.47
C GLU B 81 7.17 -4.23 -6.11
N PHE B 82 7.52 -2.95 -6.09
CA PHE B 82 7.47 -2.15 -4.88
C PHE B 82 6.27 -1.21 -4.95
N GLU B 83 5.50 -1.15 -3.87
CA GLU B 83 4.42 -0.18 -3.71
C GLU B 83 4.94 0.89 -2.77
N VAL B 84 5.13 2.10 -3.29
CA VAL B 84 5.77 3.16 -2.53
C VAL B 84 4.97 4.46 -2.56
N VAL B 85 5.22 5.32 -1.58
CA VAL B 85 4.57 6.62 -1.54
C VAL B 85 5.51 7.62 -0.88
N TYR B 86 5.49 8.85 -1.38
CA TYR B 86 6.18 9.96 -0.76
C TYR B 86 5.10 10.93 -0.29
N VAL B 87 4.75 10.85 0.98
CA VAL B 87 3.61 11.63 1.49
C VAL B 87 3.90 13.12 1.57
N SER C 3 -7.74 7.64 16.53
CA SER C 3 -6.39 7.25 16.94
C SER C 3 -6.30 5.78 17.29
N ARG C 4 -7.34 5.26 17.94
CA ARG C 4 -7.41 3.84 18.28
C ARG C 4 -7.50 3.01 17.00
N VAL C 5 -8.13 3.60 15.98
CA VAL C 5 -8.42 2.90 14.75
C VAL C 5 -7.41 3.28 13.66
N PRO C 6 -6.80 2.26 13.03
CA PRO C 6 -5.73 2.50 12.05
C PRO C 6 -6.24 3.01 10.70
N THR C 7 -5.35 3.69 9.99
CA THR C 7 -5.60 4.16 8.63
C THR C 7 -4.48 3.64 7.74
N SER C 8 -4.85 3.17 6.55
CA SER C 8 -3.84 2.76 5.57
C SER C 8 -4.10 3.48 4.26
N ILE C 9 -3.02 3.93 3.61
CA ILE C 9 -3.07 4.53 2.29
C ILE C 9 -2.93 3.40 1.28
N ILE C 10 -3.86 3.29 0.33
CA ILE C 10 -3.87 2.18 -0.63
C ILE C 10 -4.24 2.60 -2.05
N SER D 3 17.51 8.18 17.60
CA SER D 3 16.88 7.26 18.53
C SER D 3 17.54 5.88 18.49
N ARG D 4 16.72 4.86 18.33
CA ARG D 4 17.21 3.48 18.25
C ARG D 4 16.90 2.87 16.88
N VAL D 5 16.56 3.71 15.93
CA VAL D 5 16.28 3.26 14.57
C VAL D 5 17.55 2.75 13.90
N PRO D 6 17.57 1.45 13.54
CA PRO D 6 18.72 0.87 12.85
C PRO D 6 18.66 1.12 11.35
N THR D 7 19.78 0.89 10.67
CA THR D 7 19.83 0.96 9.22
C THR D 7 20.23 -0.41 8.68
N SER D 8 19.50 -0.86 7.68
CA SER D 8 19.81 -2.12 7.01
C SER D 8 20.07 -1.83 5.54
N ILE D 9 20.77 -2.74 4.89
CA ILE D 9 20.95 -2.65 3.45
C ILE D 9 20.43 -3.92 2.79
N ILE D 10 19.71 -3.75 1.70
CA ILE D 10 19.15 -4.87 0.96
C ILE D 10 19.55 -4.80 -0.50
C1 GOL E . 1.02 -9.91 11.08
O1 GOL E . 0.31 -10.49 12.16
C2 GOL E . 0.30 -10.23 9.77
O2 GOL E . -0.41 -9.07 9.35
C3 GOL E . 1.35 -10.53 8.72
O3 GOL E . 2.24 -9.44 8.66
C1 GOL F . -10.64 -15.48 9.73
O1 GOL F . -10.63 -15.93 11.08
C2 GOL F . -11.18 -14.05 9.70
O2 GOL F . -10.23 -13.18 10.28
C3 GOL F . -11.48 -13.67 8.25
O3 GOL F . -11.98 -12.35 8.20
C1 GOL G . -0.08 -4.41 -4.15
O1 GOL G . 1.14 -3.77 -3.89
C2 GOL G . 0.19 -5.59 -5.09
O2 GOL G . 0.10 -5.14 -6.42
C3 GOL G . -0.80 -6.71 -4.81
O3 GOL G . -0.57 -7.76 -5.74
#